data_8POF
#
_entry.id   8POF
#
_cell.length_a   114.604
_cell.length_b   114.604
_cell.length_c   49.963
_cell.angle_alpha   90.000
_cell.angle_beta   90.000
_cell.angle_gamma   90.000
#
_symmetry.space_group_name_H-M   'I 41'
#
loop_
_entity.id
_entity.type
_entity.pdbx_description
1 polymer 'Putative glycosyl hydrolase family7'
2 non-polymer 2-AMINO-2-HYDROXYMETHYL-PROPANE-1,3-DIOL
3 non-polymer 'SODIUM ION'
4 water water
#
_entity_poly.entity_id   1
_entity_poly.type   'polypeptide(L)'
_entity_poly.pdbx_seq_one_letter_code
;GEQRPKWTWELDGKAVTSLITQDTVSRGTTGKGDIDYNATGVLVSEDGKTLTQRMRTMTTWENKWGSRLYLLNADGQNYE
MVDLKGKELAFDVDMSALPCSINAALYTVEMAKGGASNDAQYGTGYCDAQGSGSGACNELDIWEANSAATQLAVHSCTPA
GRGGTCDTGGCNDNPYRTDKTFYGSSEKFAVDTSKPFTVVTQFVTGAGGALTEVIRTYVQGGKTIPTPAVTAGGNQYTSL
TNAYCSASGGKPLDGMSTSLDAGHVIVVSLWASDDAGGMDWLDSGNNGPCAANDPDGAREQLIKKYPEALVKYSNLRITT
L
;
_entity_poly.pdbx_strand_id   A
#
loop_
_chem_comp.id
_chem_comp.type
_chem_comp.name
_chem_comp.formula
NA non-polymer 'SODIUM ION' 'Na 1'
TRS non-polymer 2-AMINO-2-HYDROXYMETHYL-PROPANE-1,3-DIOL 'C4 H12 N O3 1'
#
# COMPACT_ATOMS: atom_id res chain seq x y z
N GLY A 1 1.99 -29.67 0.31
CA GLY A 1 2.16 -28.61 -0.71
C GLY A 1 1.50 -27.31 -0.29
N GLU A 2 2.17 -26.18 -0.54
CA GLU A 2 1.66 -24.82 -0.21
C GLU A 2 0.43 -24.53 -1.08
N GLN A 3 -0.66 -24.09 -0.44
CA GLN A 3 -1.94 -23.73 -1.10
C GLN A 3 -2.09 -22.21 -1.07
N ARG A 4 -1.57 -21.52 -2.08
CA ARG A 4 -1.60 -20.03 -2.15
C ARG A 4 -3.05 -19.59 -2.36
N PRO A 5 -3.58 -18.62 -1.57
CA PRO A 5 -4.91 -18.08 -1.82
C PRO A 5 -5.01 -17.50 -3.23
N LYS A 6 -6.18 -17.64 -3.84
CA LYS A 6 -6.51 -17.08 -5.18
C LYS A 6 -7.36 -15.82 -4.97
N TRP A 7 -6.83 -14.66 -5.35
CA TRP A 7 -7.54 -13.36 -5.25
C TRP A 7 -8.01 -12.95 -6.65
N THR A 8 -9.32 -12.88 -6.84
CA THR A 8 -9.92 -12.48 -8.14
C THR A 8 -10.17 -10.97 -8.09
N TRP A 9 -9.64 -10.25 -9.08
CA TRP A 9 -9.78 -8.79 -9.22
C TRP A 9 -10.20 -8.49 -10.65
N GLU A 10 -10.44 -7.23 -10.97
CA GLU A 10 -10.96 -6.83 -12.30
C GLU A 10 -9.94 -5.94 -13.01
N LEU A 11 -9.55 -6.31 -14.22
CA LEU A 11 -8.69 -5.50 -15.12
C LEU A 11 -9.54 -5.11 -16.33
N ASP A 12 -9.88 -3.83 -16.46
CA ASP A 12 -10.78 -3.31 -17.52
C ASP A 12 -12.02 -4.22 -17.64
N GLY A 13 -12.64 -4.52 -16.51
CA GLY A 13 -13.95 -5.19 -16.42
C GLY A 13 -13.89 -6.71 -16.56
N LYS A 14 -12.70 -7.29 -16.73
CA LYS A 14 -12.52 -8.77 -16.85
C LYS A 14 -11.97 -9.34 -15.53
N ALA A 15 -12.46 -10.51 -15.14
CA ALA A 15 -12.09 -11.18 -13.87
C ALA A 15 -10.71 -11.84 -14.02
N VAL A 16 -9.69 -11.27 -13.39
CA VAL A 16 -8.31 -11.82 -13.36
C VAL A 16 -8.11 -12.49 -12.00
N THR A 17 -7.56 -13.70 -11.99
CA THR A 17 -7.20 -14.38 -10.73
C THR A 17 -5.68 -14.41 -10.59
N SER A 18 -5.19 -13.87 -9.47
CA SER A 18 -3.77 -13.93 -9.07
C SER A 18 -3.66 -14.83 -7.85
N LEU A 19 -2.47 -15.38 -7.64
CA LEU A 19 -2.12 -16.11 -6.41
C LEU A 19 -1.54 -15.10 -5.42
N ILE A 20 -1.77 -15.32 -4.13
CA ILE A 20 -1.16 -14.53 -3.03
C ILE A 20 0.04 -15.33 -2.52
N THR A 21 1.23 -14.73 -2.49
CA THR A 21 2.44 -15.39 -1.95
C THR A 21 3.10 -14.49 -0.91
N GLN A 22 3.58 -15.10 0.18
CA GLN A 22 4.17 -14.37 1.33
C GLN A 22 5.68 -14.25 1.14
N ASP A 23 6.24 -13.16 1.67
CA ASP A 23 7.67 -12.78 1.58
C ASP A 23 8.57 -13.89 2.16
N THR A 24 9.74 -14.04 1.56
CA THR A 24 10.78 -15.06 1.90
C THR A 24 11.17 -15.00 3.38
N VAL A 25 11.07 -13.83 4.03
CA VAL A 25 11.46 -13.62 5.45
C VAL A 25 10.66 -14.58 6.34
N SER A 26 9.44 -14.94 5.93
CA SER A 26 8.48 -15.78 6.70
C SER A 26 8.67 -17.26 6.39
N ARG A 27 9.62 -17.62 5.52
CA ARG A 27 9.73 -18.98 4.93
C ARG A 27 10.90 -19.75 5.55
N GLY A 28 11.29 -19.39 6.78
CA GLY A 28 12.32 -20.11 7.56
C GLY A 28 13.73 -19.87 7.03
N THR A 29 14.68 -20.69 7.49
CA THR A 29 16.14 -20.47 7.30
C THR A 29 16.54 -20.56 5.82
N THR A 30 15.85 -21.39 5.03
CA THR A 30 16.13 -21.52 3.57
C THR A 30 15.51 -20.35 2.81
N GLY A 31 14.46 -19.74 3.36
CA GLY A 31 13.67 -18.68 2.69
C GLY A 31 12.75 -19.26 1.61
N LYS A 32 12.67 -20.59 1.52
CA LYS A 32 11.84 -21.32 0.52
C LYS A 32 10.97 -22.36 1.22
N GLY A 33 10.85 -22.30 2.55
CA GLY A 33 9.89 -23.11 3.32
C GLY A 33 8.46 -22.83 2.89
N ASP A 34 7.56 -23.81 3.08
CA ASP A 34 6.12 -23.69 2.74
C ASP A 34 5.44 -22.71 3.71
N ILE A 35 4.41 -22.01 3.25
CA ILE A 35 3.57 -21.10 4.09
C ILE A 35 2.20 -21.75 4.26
N ASP A 36 1.71 -21.79 5.50
CA ASP A 36 0.29 -22.04 5.84
C ASP A 36 -0.37 -20.67 6.00
N TYR A 37 -1.18 -20.24 5.03
CA TYR A 37 -1.80 -18.90 4.99
C TYR A 37 -2.84 -18.78 6.12
N ASN A 38 -3.49 -19.88 6.49
CA ASN A 38 -4.41 -19.91 7.67
C ASN A 38 -3.62 -19.52 8.92
N ALA A 39 -2.39 -20.02 9.06
CA ALA A 39 -1.52 -19.80 10.23
C ALA A 39 -0.95 -18.37 10.23
N THR A 40 -0.69 -17.78 9.04
CA THR A 40 -0.16 -16.39 8.97
C THR A 40 -1.32 -15.38 8.95
N GLY A 41 -2.57 -15.86 8.92
CA GLY A 41 -3.78 -15.02 9.06
C GLY A 41 -4.13 -14.33 7.75
N VAL A 42 -3.90 -15.02 6.62
CA VAL A 42 -4.17 -14.50 5.25
C VAL A 42 -5.29 -15.35 4.64
N LEU A 43 -6.48 -14.75 4.49
CA LEU A 43 -7.72 -15.47 4.12
C LEU A 43 -8.32 -14.78 2.89
N VAL A 44 -8.73 -15.55 1.88
CA VAL A 44 -9.59 -15.00 0.80
C VAL A 44 -10.98 -15.63 0.95
N SER A 45 -12.02 -14.81 0.81
CA SER A 45 -13.45 -15.21 0.89
C SER A 45 -13.77 -16.28 -0.16
N GLU A 46 -14.91 -16.97 0.00
CA GLU A 46 -15.38 -18.07 -0.90
C GLU A 46 -15.53 -17.56 -2.33
N ASP A 47 -15.99 -16.32 -2.50
CA ASP A 47 -16.28 -15.70 -3.82
C ASP A 47 -14.99 -15.17 -4.44
N GLY A 48 -13.85 -15.29 -3.75
CA GLY A 48 -12.53 -14.92 -4.26
C GLY A 48 -12.28 -13.42 -4.26
N LYS A 49 -13.16 -12.61 -3.68
CA LYS A 49 -13.17 -11.14 -3.88
C LYS A 49 -12.53 -10.40 -2.69
N THR A 50 -12.57 -10.97 -1.48
CA THR A 50 -12.16 -10.26 -0.24
C THR A 50 -10.92 -10.93 0.35
N LEU A 51 -9.87 -10.12 0.55
CA LEU A 51 -8.60 -10.53 1.20
C LEU A 51 -8.62 -10.00 2.63
N THR A 52 -8.55 -10.90 3.61
CA THR A 52 -8.40 -10.57 5.05
C THR A 52 -6.95 -10.84 5.47
N GLN A 53 -6.32 -9.83 6.08
CA GLN A 53 -4.92 -9.86 6.53
C GLN A 53 -4.89 -9.52 8.02
N ARG A 54 -4.56 -10.51 8.87
CA ARG A 54 -4.51 -10.36 10.34
C ARG A 54 -3.08 -9.99 10.77
N MET A 55 -2.96 -9.14 11.78
CA MET A 55 -1.66 -8.76 12.38
C MET A 55 -1.12 -9.94 13.20
N ARG A 56 -1.98 -10.55 14.02
CA ARG A 56 -1.59 -11.64 14.94
C ARG A 56 -2.57 -12.80 14.78
N THR A 57 -2.05 -14.02 14.63
CA THR A 57 -2.84 -15.26 14.43
C THR A 57 -2.18 -16.40 15.23
N MET A 58 -2.97 -17.09 16.06
CA MET A 58 -2.52 -18.25 16.85
C MET A 58 -3.27 -19.49 16.33
N THR A 59 -2.54 -20.53 15.91
CA THR A 59 -3.09 -21.83 15.47
C THR A 59 -2.44 -22.92 16.32
N THR A 60 -1.39 -23.57 15.81
CA THR A 60 -0.49 -24.46 16.58
C THR A 60 0.78 -23.68 16.93
N TRP A 61 0.93 -22.49 16.34
CA TRP A 61 2.02 -21.52 16.61
C TRP A 61 1.46 -20.10 16.40
N GLU A 62 2.22 -19.08 16.78
CA GLU A 62 1.74 -17.68 16.81
C GLU A 62 2.46 -16.83 15.76
N ASN A 63 1.72 -16.35 14.77
CA ASN A 63 2.18 -15.29 13.85
C ASN A 63 1.98 -13.95 14.56
N LYS A 64 3.06 -13.19 14.77
CA LYS A 64 3.05 -11.93 15.53
C LYS A 64 3.48 -10.76 14.64
N TRP A 65 3.65 -10.99 13.34
CA TRP A 65 4.40 -10.06 12.43
C TRP A 65 3.55 -9.63 11.24
N GLY A 66 2.23 -9.83 11.31
CA GLY A 66 1.35 -9.64 10.14
C GLY A 66 1.90 -10.39 8.94
N SER A 67 1.91 -9.77 7.78
CA SER A 67 2.43 -10.45 6.56
C SER A 67 2.78 -9.42 5.49
N ARG A 68 3.81 -9.70 4.70
CA ARG A 68 4.04 -9.00 3.42
C ARG A 68 3.71 -9.96 2.29
N LEU A 69 2.72 -9.60 1.47
CA LEU A 69 2.16 -10.44 0.39
C LEU A 69 2.42 -9.79 -0.96
N TYR A 70 2.60 -10.62 -1.98
CA TYR A 70 2.75 -10.20 -3.40
C TYR A 70 1.66 -10.87 -4.22
N LEU A 71 1.10 -10.14 -5.18
CA LEU A 71 0.23 -10.76 -6.21
C LEU A 71 1.15 -11.49 -7.20
N LEU A 72 0.93 -12.79 -7.32
CA LEU A 72 1.72 -13.71 -8.16
C LEU A 72 0.85 -14.09 -9.35
N ASN A 73 1.45 -14.09 -10.55
CA ASN A 73 0.78 -14.53 -11.79
C ASN A 73 0.28 -15.97 -11.59
N ALA A 74 -0.81 -16.31 -12.26
CA ALA A 74 -1.43 -17.66 -12.26
C ALA A 74 -0.40 -18.73 -12.66
N ASP A 75 0.69 -18.35 -13.34
CA ASP A 75 1.78 -19.29 -13.73
C ASP A 75 2.50 -19.82 -12.47
N GLY A 76 2.35 -19.15 -11.33
CA GLY A 76 2.89 -19.57 -10.02
C GLY A 76 4.40 -19.41 -9.93
N GLN A 77 5.00 -18.59 -10.80
CA GLN A 77 6.48 -18.46 -10.87
C GLN A 77 6.91 -16.99 -11.00
N ASN A 78 6.04 -16.12 -11.49
CA ASN A 78 6.33 -14.69 -11.75
C ASN A 78 5.33 -13.81 -11.02
N TYR A 79 5.78 -12.65 -10.55
CA TYR A 79 4.87 -11.66 -9.92
C TYR A 79 3.90 -11.17 -11.00
N GLU A 80 2.68 -10.81 -10.55
CA GLU A 80 1.61 -10.23 -11.40
C GLU A 80 1.97 -8.79 -11.73
N MET A 81 2.53 -8.54 -12.91
CA MET A 81 3.14 -7.22 -13.25
C MET A 81 2.05 -6.25 -13.69
N VAL A 82 2.10 -5.01 -13.19
CA VAL A 82 1.12 -3.95 -13.57
C VAL A 82 1.89 -2.68 -13.97
N ASP A 83 1.32 -1.95 -14.92
CA ASP A 83 1.76 -0.58 -15.30
C ASP A 83 0.56 0.33 -15.07
N LEU A 84 0.61 1.16 -14.02
CA LEU A 84 -0.57 1.92 -13.54
C LEU A 84 -0.73 3.25 -14.30
N LYS A 85 0.24 3.61 -15.15
CA LYS A 85 0.16 4.89 -15.92
C LYS A 85 -1.06 4.86 -16.83
N GLY A 86 -1.87 5.92 -16.79
CA GLY A 86 -3.10 6.06 -17.60
C GLY A 86 -4.19 5.12 -17.12
N LYS A 87 -4.05 4.60 -15.89
CA LYS A 87 -5.05 3.71 -15.26
C LYS A 87 -5.56 4.35 -13.97
N GLU A 88 -6.68 3.84 -13.47
CA GLU A 88 -7.10 4.06 -12.08
C GLU A 88 -7.09 2.71 -11.40
N LEU A 89 -6.67 2.71 -10.14
CA LEU A 89 -6.74 1.54 -9.22
C LEU A 89 -7.71 1.90 -8.10
N ALA A 90 -8.70 1.05 -7.88
CA ALA A 90 -9.69 1.21 -6.80
C ALA A 90 -9.76 -0.10 -6.02
N PHE A 91 -10.01 0.01 -4.73
CA PHE A 91 -10.31 -1.16 -3.87
C PHE A 91 -11.27 -0.70 -2.78
N ASP A 92 -12.09 -1.63 -2.28
CA ASP A 92 -12.94 -1.42 -1.09
C ASP A 92 -12.12 -1.88 0.11
N VAL A 93 -12.24 -1.19 1.24
CA VAL A 93 -11.39 -1.49 2.41
C VAL A 93 -12.24 -1.31 3.68
N ASP A 94 -12.04 -2.20 4.64
CA ASP A 94 -12.52 -2.05 6.04
C ASP A 94 -11.28 -1.79 6.91
N MET A 95 -11.17 -0.56 7.43
CA MET A 95 -10.02 -0.09 8.26
C MET A 95 -10.43 -0.08 9.74
N SER A 96 -11.64 -0.52 10.06
CA SER A 96 -12.27 -0.32 11.39
C SER A 96 -11.51 -1.07 12.50
N ALA A 97 -10.75 -2.13 12.17
CA ALA A 97 -9.99 -2.94 13.16
C ALA A 97 -8.50 -2.55 13.18
N LEU A 98 -8.15 -1.34 12.72
CA LEU A 98 -6.73 -0.88 12.66
C LEU A 98 -6.51 0.30 13.59
N PRO A 99 -5.93 0.07 14.80
CA PRO A 99 -5.67 1.16 15.73
C PRO A 99 -4.47 2.01 15.31
N CYS A 100 -4.24 3.11 16.03
CA CYS A 100 -3.02 3.95 15.91
C CYS A 100 -1.79 3.04 15.88
N SER A 101 -0.80 3.41 15.06
CA SER A 101 0.58 2.87 15.00
C SER A 101 0.68 1.55 14.20
N ILE A 102 -0.43 1.02 13.70
CA ILE A 102 -0.37 -0.10 12.72
C ILE A 102 -0.37 0.51 11.32
N ASN A 103 0.17 -0.21 10.35
CA ASN A 103 0.25 0.26 8.94
C ASN A 103 -0.29 -0.87 8.05
N ALA A 104 -1.51 -0.70 7.55
CA ALA A 104 -2.08 -1.49 6.45
C ALA A 104 -1.64 -0.83 5.15
N ALA A 105 -0.70 -1.46 4.43
CA ALA A 105 -0.10 -0.90 3.20
C ALA A 105 -0.53 -1.72 1.98
N LEU A 106 -0.94 -1.01 0.94
CA LEU A 106 -1.18 -1.60 -0.40
C LEU A 106 -0.45 -0.68 -1.37
N TYR A 107 0.56 -1.22 -2.05
CA TYR A 107 1.52 -0.39 -2.81
C TYR A 107 2.17 -1.20 -3.92
N THR A 108 2.93 -0.49 -4.75
CA THR A 108 3.65 -1.12 -5.90
C THR A 108 5.12 -0.74 -5.79
N VAL A 109 5.98 -1.66 -6.21
CA VAL A 109 7.45 -1.45 -6.27
C VAL A 109 7.98 -2.08 -7.56
N GLU A 110 9.06 -1.52 -8.10
CA GLU A 110 9.73 -2.08 -9.29
C GLU A 110 10.61 -3.26 -8.86
N MET A 111 10.00 -4.30 -8.28
CA MET A 111 10.67 -5.61 -8.10
C MET A 111 10.75 -6.26 -9.49
N ALA A 112 11.79 -7.09 -9.69
CA ALA A 112 11.92 -7.98 -10.87
C ALA A 112 10.74 -8.96 -10.87
N LYS A 113 10.14 -9.17 -12.04
CA LYS A 113 9.06 -10.17 -12.30
C LYS A 113 9.43 -11.52 -11.66
N GLY A 114 10.70 -11.92 -11.75
CA GLY A 114 11.18 -13.24 -11.27
C GLY A 114 11.68 -13.20 -9.83
N GLY A 115 11.55 -12.06 -9.14
CA GLY A 115 12.13 -11.86 -7.80
C GLY A 115 13.66 -11.95 -7.86
N ALA A 116 14.29 -12.46 -6.81
CA ALA A 116 15.76 -12.46 -6.64
C ALA A 116 16.40 -13.34 -7.72
N SER A 117 15.85 -14.53 -7.95
CA SER A 117 16.48 -15.54 -8.84
C SER A 117 15.42 -16.44 -9.49
N ASN A 118 14.52 -15.85 -10.28
CA ASN A 118 13.41 -16.58 -10.95
C ASN A 118 12.71 -17.49 -9.93
N ASP A 119 12.35 -16.92 -8.77
CA ASP A 119 11.77 -17.67 -7.62
C ASP A 119 10.75 -16.78 -6.90
N ALA A 120 9.97 -16.01 -7.67
CA ALA A 120 8.94 -15.07 -7.15
C ALA A 120 7.92 -15.80 -6.26
N GLN A 121 7.66 -17.09 -6.53
CA GLN A 121 6.69 -17.89 -5.73
C GLN A 121 7.12 -17.94 -4.26
N TYR A 122 8.40 -17.68 -3.97
CA TYR A 122 8.94 -17.68 -2.59
C TYR A 122 9.03 -16.25 -2.05
N GLY A 123 8.41 -15.26 -2.74
CA GLY A 123 8.36 -13.87 -2.26
C GLY A 123 9.74 -13.27 -2.07
N THR A 124 10.62 -13.47 -3.06
CA THR A 124 12.04 -13.01 -3.01
C THR A 124 12.18 -11.69 -3.77
N GLY A 125 13.32 -11.01 -3.57
CA GLY A 125 13.74 -9.84 -4.37
C GLY A 125 13.03 -8.56 -3.97
N TYR A 126 12.47 -8.48 -2.75
CA TYR A 126 11.81 -7.24 -2.27
C TYR A 126 12.77 -6.06 -2.41
N CYS A 127 12.25 -4.92 -2.87
CA CYS A 127 12.96 -3.62 -2.83
C CYS A 127 11.93 -2.53 -2.56
N ASP A 128 12.36 -1.41 -1.98
CA ASP A 128 11.48 -0.21 -1.83
C ASP A 128 12.37 1.02 -1.67
N ALA A 129 11.76 2.17 -1.39
CA ALA A 129 12.44 3.49 -1.43
C ALA A 129 13.40 3.65 -0.24
N GLN A 130 13.31 2.76 0.77
CA GLN A 130 14.13 2.84 2.01
C GLN A 130 15.33 1.88 1.93
N GLY A 131 15.46 1.11 0.85
CA GLY A 131 16.51 0.07 0.72
C GLY A 131 17.83 0.64 0.23
N SER A 132 18.87 -0.18 0.20
CA SER A 132 20.17 0.13 -0.45
C SER A 132 20.57 -1.02 -1.37
N GLY A 133 21.29 -0.73 -2.45
CA GLY A 133 21.72 -1.71 -3.45
C GLY A 133 20.53 -2.41 -4.08
N SER A 134 20.57 -3.74 -4.14
CA SER A 134 19.47 -4.58 -4.72
C SER A 134 18.14 -4.31 -4.00
N GLY A 135 18.18 -3.74 -2.78
CA GLY A 135 16.99 -3.50 -1.94
C GLY A 135 16.34 -2.15 -2.22
N ALA A 136 16.93 -1.32 -3.08
CA ALA A 136 16.42 0.04 -3.40
C ALA A 136 15.70 0.02 -4.75
N CYS A 137 14.45 0.49 -4.79
CA CYS A 137 13.71 0.70 -6.06
C CYS A 137 12.55 1.66 -5.86
N ASN A 138 11.99 2.14 -6.96
CA ASN A 138 10.81 3.03 -6.99
C ASN A 138 9.66 2.36 -6.22
N GLU A 139 8.97 3.16 -5.41
CA GLU A 139 7.86 2.71 -4.53
C GLU A 139 6.68 3.69 -4.67
N LEU A 140 5.54 3.17 -5.12
CA LEU A 140 4.26 3.93 -5.20
C LEU A 140 3.36 3.46 -4.05
N ASP A 141 3.38 4.20 -2.95
CA ASP A 141 2.57 3.90 -1.74
C ASP A 141 1.17 4.44 -1.96
N ILE A 142 0.34 3.66 -2.66
CA ILE A 142 -1.08 4.00 -2.92
C ILE A 142 -1.75 4.17 -1.55
N TRP A 143 -1.48 3.26 -0.63
CA TRP A 143 -2.22 3.14 0.65
C TRP A 143 -1.24 2.75 1.77
N GLU A 144 -1.10 3.63 2.75
CA GLU A 144 -0.46 3.34 4.06
C GLU A 144 -1.34 4.02 5.11
N ALA A 145 -2.03 3.24 5.94
CA ALA A 145 -3.16 3.77 6.72
C ALA A 145 -3.51 2.87 7.90
N ASN A 146 -4.20 3.48 8.85
CA ASN A 146 -4.97 2.78 9.91
C ASN A 146 -6.31 3.52 10.02
N SER A 147 -7.09 3.26 11.07
CA SER A 147 -8.40 3.92 11.28
C SER A 147 -8.22 5.43 11.56
N ALA A 148 -7.00 5.90 11.89
CA ALA A 148 -6.76 7.28 12.39
C ALA A 148 -6.11 8.19 11.34
N ALA A 149 -5.40 7.65 10.35
CA ALA A 149 -4.64 8.46 9.38
C ALA A 149 -4.31 7.65 8.13
N THR A 150 -4.10 8.36 7.02
CA THR A 150 -3.69 7.73 5.73
C THR A 150 -2.67 8.64 5.05
N GLN A 151 -1.73 8.03 4.33
CA GLN A 151 -0.75 8.75 3.48
C GLN A 151 -0.68 8.10 2.10
N LEU A 152 -0.63 8.95 1.08
CA LEU A 152 -0.37 8.60 -0.34
C LEU A 152 1.03 9.15 -0.64
N ALA A 153 1.94 8.32 -1.18
CA ALA A 153 3.34 8.74 -1.46
C ALA A 153 3.82 8.14 -2.78
N VAL A 154 4.49 8.98 -3.57
CA VAL A 154 5.34 8.55 -4.72
C VAL A 154 6.80 8.70 -4.29
N HIS A 155 7.55 7.60 -4.25
CA HIS A 155 9.01 7.63 -4.02
C HIS A 155 9.72 7.36 -5.35
N SER A 156 10.02 8.43 -6.08
CA SER A 156 10.84 8.36 -7.32
C SER A 156 12.27 7.98 -6.94
N CYS A 157 12.87 7.07 -7.72
CA CYS A 157 14.32 6.71 -7.65
C CYS A 157 14.88 6.84 -9.06
N THR A 158 16.16 7.21 -9.15
CA THR A 158 16.90 7.26 -10.44
C THR A 158 18.29 6.69 -10.23
N PRO A 159 18.79 5.82 -11.13
CA PRO A 159 17.99 5.28 -12.24
C PRO A 159 16.89 4.31 -11.75
N ALA A 160 16.08 3.82 -12.69
CA ALA A 160 15.05 2.78 -12.48
C ALA A 160 15.73 1.42 -12.27
N GLY A 161 14.93 0.36 -12.15
CA GLY A 161 15.42 -0.96 -11.71
C GLY A 161 15.84 -0.92 -10.26
N ARG A 162 16.75 -1.81 -9.86
CA ARG A 162 17.24 -1.90 -8.46
C ARG A 162 18.52 -1.07 -8.30
N GLY A 163 18.70 -0.42 -7.15
CA GLY A 163 20.00 0.14 -6.72
C GLY A 163 20.17 1.60 -7.10
N GLY A 164 19.09 2.27 -7.50
CA GLY A 164 19.10 3.72 -7.76
C GLY A 164 19.09 4.52 -6.47
N THR A 165 19.13 5.85 -6.59
CA THR A 165 19.07 6.80 -5.46
C THR A 165 17.60 7.21 -5.31
N CYS A 166 17.05 7.03 -4.11
CA CYS A 166 15.58 7.12 -3.85
C CYS A 166 15.24 8.36 -3.03
N ASP A 167 14.08 8.95 -3.32
CA ASP A 167 13.42 9.95 -2.46
C ASP A 167 12.79 9.19 -1.29
N THR A 168 13.49 9.06 -0.17
CA THR A 168 13.04 8.25 1.01
C THR A 168 11.80 8.88 1.65
N GLY A 169 11.70 10.21 1.69
CA GLY A 169 10.55 10.94 2.24
C GLY A 169 9.36 10.86 1.30
N GLY A 170 9.64 10.96 0.00
CA GLY A 170 8.63 10.84 -1.07
C GLY A 170 7.90 12.15 -1.31
N CYS A 171 7.27 12.24 -2.48
CA CYS A 171 6.20 13.23 -2.74
C CYS A 171 4.92 12.66 -2.16
N ASN A 172 4.41 13.23 -1.08
CA ASN A 172 3.34 12.55 -0.31
C ASN A 172 2.32 13.58 0.19
N ASP A 173 1.12 13.08 0.47
CA ASP A 173 0.05 13.87 1.11
C ASP A 173 -0.67 13.00 2.14
N ASN A 174 -1.00 13.64 3.25
CA ASN A 174 -1.81 13.08 4.36
C ASN A 174 -2.87 14.14 4.63
N PRO A 175 -4.17 13.84 4.43
CA PRO A 175 -5.21 14.86 4.50
C PRO A 175 -5.34 15.51 5.88
N TYR A 176 -4.92 14.82 6.93
CA TYR A 176 -4.96 15.33 8.33
C TYR A 176 -4.15 16.63 8.43
N ARG A 177 -3.10 16.78 7.63
CA ARG A 177 -2.22 17.99 7.64
C ARG A 177 -3.04 19.23 7.26
N THR A 178 -4.11 19.04 6.47
CA THR A 178 -4.98 20.13 5.96
C THR A 178 -6.29 20.16 6.73
N ASP A 179 -6.89 19.01 7.00
CA ASP A 179 -8.24 18.89 7.60
C ASP A 179 -8.25 17.72 8.59
N LYS A 180 -8.25 18.04 9.89
CA LYS A 180 -8.16 17.01 10.95
C LYS A 180 -9.49 16.23 11.07
N THR A 181 -10.57 16.68 10.40
CA THR A 181 -11.88 15.97 10.42
C THR A 181 -12.14 15.27 9.09
N PHE A 182 -11.15 15.16 8.19
CA PHE A 182 -11.35 14.49 6.88
C PHE A 182 -11.50 12.98 7.05
N TYR A 183 -10.60 12.36 7.83
CA TYR A 183 -10.40 10.90 7.89
C TYR A 183 -10.27 10.43 9.34
N GLY A 184 -11.20 9.60 9.81
CA GLY A 184 -11.17 9.05 11.17
C GLY A 184 -12.39 8.20 11.47
N SER A 185 -12.40 7.58 12.65
CA SER A 185 -13.26 6.41 12.97
C SER A 185 -14.62 6.83 13.53
N SER A 186 -15.29 7.83 12.94
CA SER A 186 -16.70 8.16 13.29
C SER A 186 -17.38 8.96 12.18
N GLU A 187 -18.70 9.09 12.29
CA GLU A 187 -19.58 9.88 11.39
C GLU A 187 -19.17 11.37 11.42
N LYS A 188 -18.36 11.80 12.42
CA LYS A 188 -17.84 13.19 12.50
C LYS A 188 -16.78 13.45 11.42
N PHE A 189 -16.29 12.42 10.73
CA PHE A 189 -15.24 12.55 9.68
C PHE A 189 -15.88 12.44 8.30
N ALA A 190 -15.27 13.10 7.30
CA ALA A 190 -15.72 13.04 5.89
C ALA A 190 -15.65 11.60 5.40
N VAL A 191 -14.58 10.89 5.77
CA VAL A 191 -14.38 9.43 5.52
C VAL A 191 -14.40 8.73 6.86
N ASP A 192 -15.46 7.96 7.11
CA ASP A 192 -15.73 7.30 8.42
C ASP A 192 -15.09 5.91 8.41
N THR A 193 -13.91 5.77 9.04
CA THR A 193 -13.11 4.52 9.00
C THR A 193 -13.72 3.41 9.87
N SER A 194 -14.80 3.68 10.61
N SER A 194 -14.80 3.70 10.60
CA SER A 194 -15.59 2.65 11.32
CA SER A 194 -15.61 2.69 11.32
C SER A 194 -16.41 1.83 10.31
C SER A 194 -16.46 1.87 10.34
N LYS A 195 -16.61 2.33 9.09
CA LYS A 195 -17.41 1.64 8.04
C LYS A 195 -16.55 1.45 6.79
N PRO A 196 -16.85 0.43 5.95
CA PRO A 196 -16.12 0.22 4.71
C PRO A 196 -16.23 1.45 3.78
N PHE A 197 -15.25 1.62 2.91
CA PHE A 197 -15.22 2.70 1.91
C PHE A 197 -14.32 2.28 0.75
N THR A 198 -14.48 2.99 -0.37
CA THR A 198 -13.66 2.76 -1.58
C THR A 198 -12.53 3.78 -1.64
N VAL A 199 -11.33 3.30 -1.95
CA VAL A 199 -10.14 4.14 -2.24
C VAL A 199 -9.90 4.13 -3.75
N VAL A 200 -10.01 5.29 -4.40
CA VAL A 200 -9.82 5.44 -5.87
C VAL A 200 -8.55 6.28 -6.09
N THR A 201 -7.68 5.82 -6.99
CA THR A 201 -6.43 6.56 -7.34
C THR A 201 -6.30 6.58 -8.86
N GLN A 202 -6.24 7.78 -9.44
N GLN A 202 -6.23 7.78 -9.43
CA GLN A 202 -6.05 7.99 -10.90
CA GLN A 202 -6.06 7.99 -10.90
C GLN A 202 -4.58 8.36 -11.16
C GLN A 202 -4.59 8.36 -11.17
N PHE A 203 -3.93 7.63 -12.08
CA PHE A 203 -2.52 7.87 -12.47
C PHE A 203 -2.56 8.53 -13.85
N VAL A 204 -2.78 9.84 -13.85
CA VAL A 204 -3.04 10.65 -15.08
C VAL A 204 -1.70 10.84 -15.81
N THR A 205 -1.69 10.62 -17.12
CA THR A 205 -0.52 10.88 -17.98
C THR A 205 -0.82 12.07 -18.91
N GLY A 206 0.22 12.71 -19.42
N GLY A 206 0.23 12.76 -19.35
CA GLY A 206 0.13 13.67 -20.55
CA GLY A 206 0.14 13.90 -20.29
C GLY A 206 0.03 12.93 -21.87
C GLY A 206 0.96 13.61 -21.54
N ALA A 207 -0.10 13.67 -22.98
N ALA A 207 1.47 14.67 -22.18
CA ALA A 207 -0.20 13.12 -24.35
CA ALA A 207 2.41 14.58 -23.33
C ALA A 207 1.04 12.25 -24.64
C ALA A 207 3.49 13.54 -23.00
N GLY A 208 2.21 12.70 -24.17
N GLY A 208 3.93 12.79 -24.01
CA GLY A 208 3.51 12.05 -24.37
CA GLY A 208 5.03 11.80 -23.91
C GLY A 208 3.62 10.74 -23.61
C GLY A 208 4.62 10.56 -23.12
N GLY A 209 2.79 10.57 -22.57
N GLY A 209 3.35 10.48 -22.71
CA GLY A 209 2.70 9.33 -21.78
CA GLY A 209 2.82 9.39 -21.87
C GLY A 209 3.37 9.43 -20.42
C GLY A 209 3.40 9.43 -20.45
N ALA A 210 3.87 10.61 -20.04
CA ALA A 210 4.51 10.84 -18.72
C ALA A 210 3.43 10.95 -17.64
N LEU A 211 3.68 10.36 -16.47
CA LEU A 211 2.81 10.52 -15.28
C LEU A 211 2.85 12.00 -14.87
N THR A 212 1.70 12.67 -14.83
CA THR A 212 1.59 14.13 -14.55
C THR A 212 0.80 14.40 -13.26
N GLU A 213 -0.06 13.49 -12.84
CA GLU A 213 -0.99 13.74 -11.71
C GLU A 213 -1.39 12.42 -11.05
N VAL A 214 -1.39 12.39 -9.72
CA VAL A 214 -1.97 11.25 -8.95
C VAL A 214 -3.13 11.81 -8.12
N ILE A 215 -4.36 11.38 -8.45
CA ILE A 215 -5.61 11.92 -7.85
C ILE A 215 -6.20 10.86 -6.94
N ARG A 216 -6.45 11.24 -5.68
CA ARG A 216 -7.12 10.38 -4.67
C ARG A 216 -8.55 10.87 -4.49
N THR A 217 -9.51 9.95 -4.59
CA THR A 217 -10.91 10.16 -4.16
C THR A 217 -11.34 8.98 -3.31
N TYR A 218 -12.34 9.19 -2.46
CA TYR A 218 -12.97 8.14 -1.63
C TYR A 218 -14.44 8.05 -2.04
N VAL A 219 -15.02 6.86 -1.88
CA VAL A 219 -16.49 6.66 -2.03
C VAL A 219 -16.98 5.99 -0.75
N GLN A 220 -18.03 6.56 -0.15
CA GLN A 220 -18.70 6.00 1.04
C GLN A 220 -20.14 6.49 1.07
N GLY A 221 -21.08 5.58 1.31
CA GLY A 221 -22.54 5.85 1.27
C GLY A 221 -22.95 6.41 -0.08
N GLY A 222 -22.27 5.99 -1.16
CA GLY A 222 -22.53 6.44 -2.54
C GLY A 222 -22.04 7.86 -2.81
N LYS A 223 -21.41 8.51 -1.84
CA LYS A 223 -20.84 9.87 -1.98
C LYS A 223 -19.41 9.77 -2.49
N THR A 224 -19.08 10.53 -3.53
CA THR A 224 -17.68 10.69 -4.01
C THR A 224 -17.07 11.86 -3.25
N ILE A 225 -15.95 11.59 -2.58
CA ILE A 225 -15.34 12.49 -1.56
C ILE A 225 -13.94 12.86 -2.04
N PRO A 226 -13.74 14.08 -2.58
CA PRO A 226 -12.40 14.54 -2.95
C PRO A 226 -11.54 14.81 -1.72
N THR A 227 -10.22 14.71 -1.88
CA THR A 227 -9.23 15.07 -0.83
C THR A 227 -9.22 16.59 -0.68
N PRO A 228 -9.01 17.11 0.55
CA PRO A 228 -8.88 18.54 0.77
C PRO A 228 -7.72 19.12 -0.04
N ALA A 229 -7.90 20.31 -0.59
CA ALA A 229 -6.84 21.07 -1.30
C ALA A 229 -5.73 21.37 -0.28
N VAL A 230 -4.48 21.09 -0.65
CA VAL A 230 -3.29 21.24 0.24
C VAL A 230 -2.52 22.50 -0.16
N THR A 231 -2.11 23.29 0.81
CA THR A 231 -1.27 24.50 0.60
C THR A 231 0.21 24.10 0.69
N ALA A 232 0.99 24.41 -0.35
CA ALA A 232 2.46 24.28 -0.38
C ALA A 232 3.05 25.42 -1.19
N GLY A 233 4.02 26.16 -0.61
CA GLY A 233 4.64 27.33 -1.23
C GLY A 233 3.61 28.38 -1.62
N GLY A 234 2.58 28.55 -0.77
CA GLY A 234 1.54 29.60 -0.91
C GLY A 234 0.47 29.26 -1.95
N ASN A 235 0.51 28.07 -2.56
CA ASN A 235 -0.44 27.66 -3.62
C ASN A 235 -1.24 26.43 -3.15
N GLN A 236 -2.46 26.27 -3.66
CA GLN A 236 -3.36 25.13 -3.35
C GLN A 236 -3.24 24.05 -4.43
N TYR A 237 -3.13 22.79 -4.02
CA TYR A 237 -3.01 21.61 -4.91
C TYR A 237 -4.07 20.57 -4.50
N THR A 238 -4.65 19.89 -5.49
CA THR A 238 -5.76 18.92 -5.28
C THR A 238 -5.30 17.49 -5.62
N SER A 239 -4.01 17.33 -5.89
CA SER A 239 -3.42 16.05 -6.37
C SER A 239 -1.91 16.11 -6.22
N LEU A 240 -1.22 14.97 -6.32
CA LEU A 240 0.25 14.94 -6.47
C LEU A 240 0.57 15.35 -7.91
N THR A 241 1.23 16.51 -8.06
CA THR A 241 1.75 17.02 -9.36
C THR A 241 3.22 17.36 -9.14
N ASN A 242 4.01 17.49 -10.21
CA ASN A 242 5.44 17.85 -10.10
C ASN A 242 5.56 19.18 -9.34
N ALA A 243 4.67 20.14 -9.61
CA ALA A 243 4.64 21.45 -8.92
C ALA A 243 4.47 21.23 -7.41
N TYR A 244 3.48 20.42 -7.02
CA TYR A 244 3.22 20.12 -5.58
C TYR A 244 4.44 19.44 -4.96
N CYS A 245 4.98 18.41 -5.62
CA CYS A 245 6.16 17.64 -5.14
C CYS A 245 7.32 18.62 -4.86
N SER A 246 7.60 19.51 -5.81
CA SER A 246 8.65 20.54 -5.68
C SER A 246 8.35 21.44 -4.47
N ALA A 247 7.13 21.98 -4.41
CA ALA A 247 6.68 22.97 -3.40
C ALA A 247 6.68 22.36 -2.00
N SER A 248 6.50 21.04 -1.88
CA SER A 248 6.35 20.34 -0.57
C SER A 248 7.66 19.65 -0.16
N GLY A 249 8.71 19.78 -0.98
CA GLY A 249 10.06 19.27 -0.67
C GLY A 249 10.23 17.80 -1.03
N GLY A 250 9.36 17.26 -1.89
CA GLY A 250 9.54 15.91 -2.46
C GLY A 250 10.26 15.99 -3.79
N LYS A 251 10.71 14.85 -4.31
CA LYS A 251 11.23 14.74 -5.70
C LYS A 251 10.04 14.59 -6.63
N PRO A 252 10.13 15.03 -7.90
CA PRO A 252 9.01 14.93 -8.83
C PRO A 252 8.65 13.49 -9.21
N LEU A 253 7.59 13.35 -10.01
CA LEU A 253 6.99 12.05 -10.42
C LEU A 253 7.81 11.36 -11.51
N ASP A 254 8.78 12.07 -12.10
CA ASP A 254 9.47 11.62 -13.36
C ASP A 254 10.15 10.26 -13.15
N GLY A 255 10.89 10.07 -12.07
CA GLY A 255 11.57 8.78 -11.76
C GLY A 255 10.56 7.64 -11.73
N MET A 256 9.45 7.83 -11.04
CA MET A 256 8.33 6.85 -10.95
C MET A 256 7.73 6.63 -12.34
N SER A 257 7.58 7.69 -13.13
CA SER A 257 6.99 7.63 -14.50
C SER A 257 7.78 6.65 -15.36
N THR A 258 9.11 6.74 -15.35
CA THR A 258 10.03 5.81 -16.07
C THR A 258 9.89 4.41 -15.49
N SER A 259 9.88 4.29 -14.16
CA SER A 259 9.88 3.00 -13.43
C SER A 259 8.63 2.18 -13.78
N LEU A 260 7.45 2.83 -13.84
CA LEU A 260 6.17 2.11 -14.07
C LEU A 260 6.16 1.44 -15.45
N ASP A 261 6.91 1.97 -16.42
CA ASP A 261 7.07 1.39 -17.79
C ASP A 261 7.73 0.00 -17.73
N ALA A 262 8.49 -0.31 -16.69
CA ALA A 262 9.17 -1.61 -16.49
C ALA A 262 8.18 -2.64 -15.91
N GLY A 263 7.07 -2.16 -15.35
CA GLY A 263 6.12 -3.02 -14.63
C GLY A 263 6.45 -3.04 -13.16
N HIS A 264 5.42 -2.99 -12.31
CA HIS A 264 5.55 -3.04 -10.84
C HIS A 264 4.90 -4.29 -10.30
N VAL A 265 5.30 -4.66 -9.09
CA VAL A 265 4.66 -5.74 -8.27
C VAL A 265 3.71 -5.07 -7.28
N ILE A 266 2.53 -5.65 -7.07
CA ILE A 266 1.57 -5.18 -6.04
C ILE A 266 1.92 -5.87 -4.71
N VAL A 267 2.15 -5.07 -3.68
CA VAL A 267 2.51 -5.51 -2.32
C VAL A 267 1.34 -5.15 -1.40
N VAL A 268 0.96 -6.11 -0.57
CA VAL A 268 -0.04 -5.92 0.52
C VAL A 268 0.69 -6.31 1.80
N SER A 269 1.04 -5.32 2.60
CA SER A 269 1.89 -5.50 3.80
C SER A 269 1.20 -4.85 5.01
N LEU A 270 0.81 -5.68 5.96
CA LEU A 270 0.30 -5.23 7.29
C LEU A 270 1.44 -5.37 8.28
N TRP A 271 1.87 -4.28 8.89
CA TRP A 271 3.04 -4.28 9.80
C TRP A 271 2.91 -3.20 10.88
N ALA A 272 3.66 -3.39 11.96
CA ALA A 272 3.86 -2.40 13.04
C ALA A 272 5.36 -2.32 13.31
N SER A 273 5.84 -1.16 13.74
CA SER A 273 7.27 -0.96 14.07
C SER A 273 7.59 -1.68 15.39
N ASP A 274 8.80 -2.22 15.50
CA ASP A 274 9.33 -2.77 16.78
C ASP A 274 9.70 -1.62 17.74
N ASP A 275 9.75 -0.38 17.25
CA ASP A 275 10.16 0.81 18.04
C ASP A 275 8.95 1.70 18.34
N ALA A 276 8.85 2.16 19.59
CA ALA A 276 7.93 3.26 20.00
C ALA A 276 8.15 4.44 19.06
N GLY A 277 7.07 4.95 18.45
CA GLY A 277 7.11 6.12 17.58
C GLY A 277 7.51 5.79 16.14
N GLY A 278 7.71 4.50 15.85
CA GLY A 278 8.10 4.01 14.52
C GLY A 278 7.12 4.40 13.43
N MET A 279 5.84 4.59 13.76
CA MET A 279 4.79 4.93 12.75
C MET A 279 4.30 6.38 12.93
N ASP A 280 4.98 7.22 13.71
CA ASP A 280 4.53 8.60 14.03
C ASP A 280 4.51 9.46 12.77
N TRP A 281 5.39 9.16 11.81
CA TRP A 281 5.45 9.82 10.48
C TRP A 281 4.09 9.72 9.78
N LEU A 282 3.35 8.64 10.04
CA LEU A 282 2.05 8.35 9.39
C LEU A 282 0.90 9.02 10.15
N ASP A 283 0.87 8.95 11.48
CA ASP A 283 -0.42 9.11 12.21
C ASP A 283 -0.30 9.96 13.48
N SER A 284 0.85 10.57 13.74
CA SER A 284 1.08 11.38 14.98
C SER A 284 1.58 12.78 14.62
N GLY A 285 1.66 13.69 15.59
CA GLY A 285 2.05 15.08 15.36
C GLY A 285 1.10 15.77 14.40
N ASN A 286 1.62 16.38 13.34
CA ASN A 286 0.79 17.09 12.33
C ASN A 286 0.23 16.09 11.30
N ASN A 287 0.53 14.80 11.45
CA ASN A 287 0.13 13.74 10.49
C ASN A 287 -1.09 12.96 11.00
N GLY A 288 -1.46 13.11 12.26
CA GLY A 288 -2.64 12.41 12.79
C GLY A 288 -2.83 12.63 14.28
N PRO A 289 -3.92 12.08 14.86
CA PRO A 289 -4.27 12.32 16.26
C PRO A 289 -3.59 11.36 17.27
N CYS A 290 -2.80 10.42 16.76
CA CYS A 290 -2.25 9.29 17.57
C CYS A 290 -1.22 9.78 18.58
N ALA A 291 -1.16 9.11 19.74
CA ALA A 291 -0.16 9.32 20.80
C ALA A 291 1.23 9.13 20.19
N ALA A 292 2.18 10.03 20.46
CA ALA A 292 3.56 10.00 19.92
C ALA A 292 4.44 9.11 20.80
N ASN A 293 5.42 8.44 20.18
CA ASN A 293 6.46 7.65 20.89
C ASN A 293 5.81 6.67 21.86
N ASP A 294 4.67 6.10 21.47
CA ASP A 294 3.84 5.23 22.34
C ASP A 294 4.48 3.86 22.44
N PRO A 295 5.00 3.46 23.63
CA PRO A 295 5.54 2.10 23.81
C PRO A 295 4.51 1.02 23.45
N ASP A 296 3.22 1.30 23.68
CA ASP A 296 2.08 0.39 23.39
C ASP A 296 1.88 0.28 21.87
N GLY A 297 2.41 1.24 21.10
CA GLY A 297 2.34 1.26 19.63
C GLY A 297 3.37 0.36 18.98
N ALA A 298 4.42 -0.02 19.71
CA ALA A 298 5.41 -1.04 19.25
C ALA A 298 4.69 -2.37 19.06
N ARG A 299 5.07 -3.09 18.00
CA ARG A 299 4.40 -4.33 17.50
C ARG A 299 4.03 -5.27 18.66
N GLU A 300 4.99 -5.60 19.51
CA GLU A 300 4.82 -6.65 20.56
C GLU A 300 3.72 -6.24 21.54
N GLN A 301 3.59 -4.94 21.84
CA GLN A 301 2.55 -4.41 22.76
C GLN A 301 1.23 -4.25 22.01
N LEU A 302 1.29 -3.76 20.77
CA LEU A 302 0.10 -3.51 19.92
CA LEU A 302 0.08 -3.51 19.95
C LEU A 302 -0.71 -4.81 19.79
N ILE A 303 -0.03 -5.92 19.49
CA ILE A 303 -0.68 -7.24 19.23
C ILE A 303 -1.27 -7.80 20.55
N LYS A 304 -0.77 -7.37 21.71
CA LYS A 304 -1.34 -7.76 23.03
C LYS A 304 -2.59 -6.93 23.31
N LYS A 305 -2.54 -5.62 23.05
CA LYS A 305 -3.68 -4.69 23.29
C LYS A 305 -4.81 -4.95 22.29
N TYR A 306 -4.47 -5.27 21.04
CA TYR A 306 -5.42 -5.38 19.90
C TYR A 306 -5.16 -6.68 19.14
N PRO A 307 -5.40 -7.85 19.78
CA PRO A 307 -5.10 -9.13 19.15
C PRO A 307 -5.93 -9.45 17.90
N GLU A 308 -7.02 -8.71 17.67
CA GLU A 308 -7.90 -8.91 16.49
C GLU A 308 -7.65 -7.82 15.43
N ALA A 309 -6.56 -7.05 15.54
CA ALA A 309 -6.20 -6.03 14.52
C ALA A 309 -6.08 -6.73 13.17
N LEU A 310 -6.80 -6.24 12.16
CA LEU A 310 -6.78 -6.82 10.79
C LEU A 310 -7.28 -5.78 9.78
N VAL A 311 -7.00 -6.02 8.50
CA VAL A 311 -7.50 -5.20 7.37
C VAL A 311 -8.26 -6.13 6.42
N LYS A 312 -9.31 -5.63 5.79
CA LYS A 312 -9.99 -6.36 4.69
C LYS A 312 -9.94 -5.51 3.44
N TYR A 313 -9.50 -6.11 2.34
CA TYR A 313 -9.52 -5.49 0.99
C TYR A 313 -10.45 -6.32 0.12
N SER A 314 -11.30 -5.63 -0.66
N SER A 314 -11.31 -5.65 -0.66
CA SER A 314 -12.32 -6.26 -1.54
CA SER A 314 -12.29 -6.34 -1.56
C SER A 314 -12.30 -5.60 -2.93
C SER A 314 -12.38 -5.60 -2.90
N ASN A 315 -12.67 -6.35 -3.96
CA ASN A 315 -13.03 -5.79 -5.30
C ASN A 315 -11.90 -4.87 -5.78
N LEU A 316 -10.67 -5.38 -5.77
CA LEU A 316 -9.53 -4.70 -6.42
C LEU A 316 -9.87 -4.56 -7.90
N ARG A 317 -9.73 -3.35 -8.45
CA ARG A 317 -10.03 -3.12 -9.89
C ARG A 317 -9.01 -2.14 -10.45
N ILE A 318 -8.47 -2.47 -11.63
CA ILE A 318 -7.60 -1.57 -12.42
C ILE A 318 -8.30 -1.32 -13.74
N THR A 319 -8.52 -0.05 -14.08
CA THR A 319 -9.32 0.35 -15.25
C THR A 319 -8.55 1.44 -16.00
N THR A 320 -8.51 1.36 -17.33
CA THR A 320 -7.91 2.40 -18.20
C THR A 320 -8.74 3.68 -18.06
N LEU A 321 -8.07 4.82 -17.87
CA LEU A 321 -8.74 6.16 -17.77
C LEU A 321 -9.40 6.50 -19.11
C TRS B . 7.02 0.81 3.74
C1 TRS B . 7.58 -0.22 4.73
C2 TRS B . 5.62 0.41 3.29
C3 TRS B . 7.02 2.19 4.40
N TRS B . 7.91 0.84 2.54
O1 TRS B . 7.84 -1.47 4.12
O2 TRS B . 4.68 0.42 4.36
O3 TRS B . 6.74 3.25 3.49
H11 TRS B . 6.93 -0.35 5.45
H12 TRS B . 8.40 0.13 5.12
H21 TRS B . 5.65 -0.48 2.88
H22 TRS B . 5.31 1.04 2.60
H31 TRS B . 7.90 2.37 4.79
H32 TRS B . 6.33 2.22 5.10
HN1 TRS B . 8.28 1.67 2.42
HN2 TRS B . 7.45 0.64 1.78
HN3 TRS B . 8.59 0.25 2.61
HO1 TRS B . 8.14 -2.00 4.70
HO2 TRS B . 3.93 0.20 4.07
HO3 TRS B . 6.62 2.92 2.72
NA NA C . -1.51 14.90 16.58
#